data_1P9O
#
_entry.id   1P9O
#
_cell.length_a   73.160
_cell.length_b   73.160
_cell.length_c   281.830
_cell.angle_alpha   90.00
_cell.angle_beta   90.00
_cell.angle_gamma   90.00
#
_symmetry.space_group_name_H-M   'P 43 21 2'
#
loop_
_entity.id
_entity.type
_entity.pdbx_description
1 polymer 'Phosphopantothenoylcysteine synthetase'
2 non-polymer 'SULFATE ION'
3 water water
#
_entity_poly.entity_id   1
_entity_poly.type   'polypeptide(L)'
_entity_poly.pdbx_seq_one_letter_code
;GAMAEMDPVAEFPQPPGAARWAEVMARFAARLGAQGRRVVLVTSGGTKVPLEARPVRFLDNFSSGRRGATSAEAFLAAGY
GVLFLYRARSAFPYAHRFPPQTWLSALRPSGPALSGLLSLEAEENALPGFAEALRSYQEAAAAGTFLVVEFTTLADYLHL
LQAAAQALNPLGPSAMFYLAAAVSDFYVPVSEMPEHKIESSGGPLQITMKMVPKLLSPLVKDWAPKAFIISFKLETDPAI
VINRARKALEIYQHQVVVANILESRQSFVLIVTKDSETKLLLSEEEIEKGVEIEEKIVDNLQSRHTAFIGDRN
;
_entity_poly.pdbx_strand_id   A,B
#
loop_
_chem_comp.id
_chem_comp.type
_chem_comp.name
_chem_comp.formula
SO4 non-polymer 'SULFATE ION' 'O4 S -2'
#
# COMPACT_ATOMS: atom_id res chain seq x y z
N ARG A 20 -8.37 13.32 19.73
CA ARG A 20 -9.66 13.68 19.07
C ARG A 20 -10.34 12.45 18.49
N TRP A 21 -9.57 11.41 18.16
CA TRP A 21 -10.21 10.19 17.62
C TRP A 21 -11.13 9.65 18.68
N ALA A 22 -10.69 9.71 19.94
CA ALA A 22 -11.48 9.24 21.06
C ALA A 22 -12.86 9.91 21.03
N GLU A 23 -12.87 11.22 20.90
CA GLU A 23 -14.12 11.97 20.86
C GLU A 23 -14.98 11.58 19.61
N VAL A 24 -14.33 11.52 18.45
CA VAL A 24 -15.02 11.18 17.20
C VAL A 24 -15.60 9.77 17.23
N MET A 25 -14.83 8.80 17.74
CA MET A 25 -15.33 7.43 17.79
C MET A 25 -16.51 7.29 18.76
N ALA A 26 -16.42 7.95 19.92
CA ALA A 26 -17.46 7.91 20.91
C ALA A 26 -18.79 8.48 20.38
N ARG A 27 -18.73 9.63 19.70
CA ARG A 27 -19.94 10.23 19.12
C ARG A 27 -20.46 9.31 18.02
N PHE A 28 -19.53 8.76 17.21
CA PHE A 28 -19.93 7.84 16.17
C PHE A 28 -20.73 6.69 16.77
N ALA A 29 -20.18 6.05 17.79
CA ALA A 29 -20.88 4.91 18.38
C ALA A 29 -22.14 5.28 19.17
N ALA A 30 -22.08 6.34 19.97
CA ALA A 30 -23.25 6.71 20.77
C ALA A 30 -24.45 6.99 19.86
N ARG A 31 -24.19 7.65 18.73
CA ARG A 31 -25.26 7.98 17.79
C ARG A 31 -25.96 6.73 17.26
N LEU A 32 -25.19 5.73 16.82
CA LEU A 32 -25.76 4.50 16.29
C LEU A 32 -26.35 3.68 17.44
N GLY A 33 -25.76 3.84 18.62
CA GLY A 33 -26.29 3.12 19.75
C GLY A 33 -27.69 3.62 20.03
N ALA A 34 -27.92 4.93 19.91
CA ALA A 34 -29.23 5.53 20.17
C ALA A 34 -30.29 5.15 19.14
N GLN A 35 -29.87 4.74 17.96
CA GLN A 35 -30.84 4.31 16.97
C GLN A 35 -31.08 2.82 17.22
N GLY A 36 -30.34 2.22 18.14
CA GLY A 36 -30.55 0.81 18.42
C GLY A 36 -29.89 -0.06 17.35
N ARG A 37 -28.89 0.49 16.69
CA ARG A 37 -28.18 -0.22 15.65
C ARG A 37 -26.95 -0.88 16.27
N ARG A 38 -26.59 -2.05 15.78
CA ARG A 38 -25.39 -2.73 16.26
C ARG A 38 -24.18 -2.02 15.66
N VAL A 39 -23.05 -2.15 16.32
CA VAL A 39 -21.84 -1.50 15.85
C VAL A 39 -20.71 -2.47 16.00
N VAL A 40 -19.91 -2.58 14.96
CA VAL A 40 -18.78 -3.49 14.99
C VAL A 40 -17.45 -2.81 14.70
N LEU A 41 -16.41 -3.19 15.44
CA LEU A 41 -15.11 -2.64 15.18
C LEU A 41 -14.43 -3.69 14.32
N VAL A 42 -14.06 -3.33 13.10
CA VAL A 42 -13.35 -4.28 12.24
C VAL A 42 -11.90 -3.79 12.19
N THR A 43 -10.96 -4.61 12.66
CA THR A 43 -9.55 -4.22 12.56
C THR A 43 -9.05 -4.98 11.31
N SER A 44 -8.13 -4.41 10.55
CA SER A 44 -7.70 -5.05 9.31
C SER A 44 -6.25 -4.69 8.93
N GLY A 45 -5.53 -5.65 8.37
CA GLY A 45 -4.15 -5.38 7.97
C GLY A 45 -3.17 -5.67 9.09
N GLY A 46 -1.89 -5.50 8.84
CA GLY A 46 -0.92 -5.79 9.87
C GLY A 46 -0.28 -4.56 10.46
N THR A 47 0.29 -4.72 11.64
CA THR A 47 0.99 -3.62 12.30
C THR A 47 2.47 -3.83 11.98
N LYS A 48 3.26 -2.78 12.12
CA LYS A 48 4.67 -2.96 11.88
C LYS A 48 5.36 -2.34 13.09
N VAL A 49 6.57 -2.78 13.40
CA VAL A 49 7.29 -2.22 14.53
C VAL A 49 8.63 -1.66 14.10
N PRO A 50 8.95 -0.46 14.56
CA PRO A 50 10.23 0.16 14.21
C PRO A 50 11.38 -0.62 14.86
N LEU A 51 12.56 -0.56 14.24
CA LEU A 51 13.72 -1.25 14.80
C LEU A 51 14.72 -0.23 15.31
N GLU A 52 14.67 0.96 14.73
CA GLU A 52 15.59 2.04 15.09
C GLU A 52 14.83 3.28 15.52
N ALA A 53 15.57 4.31 15.92
CA ALA A 53 14.96 5.56 16.35
C ALA A 53 14.45 6.37 15.17
N ARG A 54 15.33 6.66 14.21
CA ARG A 54 14.91 7.41 13.03
C ARG A 54 13.80 6.62 12.37
N PRO A 55 14.05 5.34 12.20
CA PRO A 55 13.07 4.41 11.63
C PRO A 55 12.80 4.52 10.14
N VAL A 56 13.54 3.75 9.37
CA VAL A 56 13.35 3.67 7.93
C VAL A 56 13.10 2.18 7.69
N ARG A 57 13.48 1.37 8.68
CA ARG A 57 13.29 -0.07 8.64
C ARG A 57 12.19 -0.43 9.63
N PHE A 58 11.41 -1.47 9.32
CA PHE A 58 10.32 -1.89 10.16
C PHE A 58 10.15 -3.39 10.03
N LEU A 59 9.76 -4.05 11.11
CA LEU A 59 9.49 -5.48 11.04
C LEU A 59 8.01 -5.40 10.73
N ASP A 60 7.64 -5.93 9.57
CA ASP A 60 6.29 -5.81 9.09
C ASP A 60 5.49 -7.08 9.02
N ASN A 61 4.39 -7.10 9.77
CA ASN A 61 3.47 -8.23 9.76
C ASN A 61 2.62 -8.06 8.52
N PHE A 62 2.92 -8.85 7.49
CA PHE A 62 2.16 -8.77 6.25
C PHE A 62 0.72 -9.20 6.39
N SER A 63 -0.14 -8.51 5.64
CA SER A 63 -1.56 -8.80 5.58
C SER A 63 -2.11 -7.81 4.53
N SER A 64 -2.83 -8.35 3.55
CA SER A 64 -3.38 -7.53 2.48
C SER A 64 -4.56 -6.71 2.99
N GLY A 65 -5.24 -7.24 3.99
CA GLY A 65 -6.39 -6.54 4.52
C GLY A 65 -7.65 -6.89 3.73
N ARG A 66 -7.51 -7.70 2.69
CA ARG A 66 -8.65 -8.09 1.86
C ARG A 66 -9.82 -8.67 2.68
N ARG A 67 -9.52 -9.61 3.57
CA ARG A 67 -10.54 -10.24 4.40
C ARG A 67 -11.29 -9.19 5.23
N GLY A 68 -10.52 -8.34 5.90
CA GLY A 68 -11.12 -7.32 6.73
C GLY A 68 -11.95 -6.36 5.91
N ALA A 69 -11.45 -5.95 4.74
CA ALA A 69 -12.20 -5.01 3.89
C ALA A 69 -13.53 -5.60 3.42
N THR A 70 -13.47 -6.82 2.88
CA THR A 70 -14.66 -7.51 2.41
C THR A 70 -15.62 -7.73 3.59
N SER A 71 -15.08 -8.03 4.77
CA SER A 71 -15.95 -8.22 5.93
C SER A 71 -16.61 -6.90 6.29
N ALA A 72 -15.86 -5.80 6.22
CA ALA A 72 -16.45 -4.52 6.55
C ALA A 72 -17.65 -4.27 5.59
N GLU A 73 -17.49 -4.67 4.34
CA GLU A 73 -18.52 -4.53 3.31
C GLU A 73 -19.75 -5.38 3.67
N ALA A 74 -19.51 -6.61 4.09
CA ALA A 74 -20.64 -7.47 4.42
C ALA A 74 -21.35 -6.99 5.68
N PHE A 75 -20.61 -6.43 6.63
CA PHE A 75 -21.26 -5.92 7.84
C PHE A 75 -22.19 -4.75 7.52
N LEU A 76 -21.71 -3.86 6.64
CA LEU A 76 -22.49 -2.70 6.26
C LEU A 76 -23.79 -3.11 5.56
N ALA A 77 -23.70 -4.11 4.69
CA ALA A 77 -24.89 -4.57 3.97
C ALA A 77 -25.85 -5.21 4.95
N ALA A 78 -25.32 -5.83 6.00
CA ALA A 78 -26.15 -6.48 7.02
C ALA A 78 -26.76 -5.51 8.04
N GLY A 79 -26.63 -4.20 7.83
CA GLY A 79 -27.20 -3.25 8.77
C GLY A 79 -26.33 -2.72 9.90
N TYR A 80 -25.11 -3.24 10.05
CA TYR A 80 -24.24 -2.79 11.12
C TYR A 80 -23.58 -1.46 10.89
N GLY A 81 -23.27 -0.79 12.00
CA GLY A 81 -22.50 0.43 11.93
C GLY A 81 -21.09 -0.19 11.88
N VAL A 82 -20.16 0.43 11.18
CA VAL A 82 -18.82 -0.13 11.11
C VAL A 82 -17.70 0.85 11.38
N LEU A 83 -16.86 0.51 12.35
CA LEU A 83 -15.68 1.33 12.68
C LEU A 83 -14.54 0.47 12.10
N PHE A 84 -13.90 0.96 11.04
CA PHE A 84 -12.85 0.22 10.34
C PHE A 84 -11.46 0.77 10.71
N LEU A 85 -10.76 0.04 11.56
CA LEU A 85 -9.40 0.41 12.03
C LEU A 85 -8.46 -0.39 11.13
N TYR A 86 -7.74 0.28 10.25
CA TYR A 86 -6.97 -0.50 9.32
C TYR A 86 -5.60 0.03 8.98
N ARG A 87 -4.73 -0.88 8.58
CA ARG A 87 -3.37 -0.53 8.21
C ARG A 87 -3.41 0.36 6.97
N ALA A 88 -2.78 1.53 7.08
CA ALA A 88 -2.70 2.50 5.99
C ALA A 88 -2.25 1.82 4.70
N ARG A 89 -2.97 2.06 3.61
CA ARG A 89 -2.64 1.46 2.31
C ARG A 89 -2.98 -0.03 2.15
N SER A 90 -3.46 -0.69 3.20
CA SER A 90 -3.87 -2.10 3.04
C SER A 90 -5.25 -1.99 2.39
N ALA A 91 -5.85 -3.11 2.02
CA ALA A 91 -7.15 -3.09 1.33
C ALA A 91 -8.24 -2.21 1.93
N PHE A 92 -8.79 -1.31 1.11
CA PHE A 92 -9.86 -0.41 1.56
C PHE A 92 -11.23 -0.90 1.06
N PRO A 93 -12.24 -0.95 1.93
CA PRO A 93 -13.58 -1.42 1.53
C PRO A 93 -14.06 -0.82 0.21
N TYR A 94 -14.56 -1.69 -0.67
CA TYR A 94 -15.09 -1.27 -1.97
C TYR A 94 -14.03 -0.97 -3.02
N ALA A 95 -13.13 -0.03 -2.71
CA ALA A 95 -12.07 0.35 -3.64
C ALA A 95 -11.07 -0.74 -3.95
N HIS A 96 -10.84 -1.67 -3.01
CA HIS A 96 -9.84 -2.71 -3.24
C HIS A 96 -10.14 -3.56 -4.47
N ARG A 97 -11.36 -3.46 -4.98
CA ARG A 97 -11.72 -4.24 -6.16
C ARG A 97 -11.36 -3.47 -7.43
N PHE A 98 -10.99 -2.20 -7.28
CA PHE A 98 -10.62 -1.35 -8.41
C PHE A 98 -9.27 -0.67 -8.20
N PRO A 99 -8.17 -1.40 -8.44
CA PRO A 99 -6.80 -0.88 -8.29
C PRO A 99 -6.57 0.37 -9.15
N PRO A 100 -5.61 1.23 -8.75
CA PRO A 100 -5.32 2.45 -9.52
C PRO A 100 -5.24 2.28 -11.05
N GLN A 101 -4.50 1.28 -11.53
CA GLN A 101 -4.39 1.11 -12.98
C GLN A 101 -5.73 0.76 -13.63
N THR A 102 -6.58 0.05 -12.90
CA THR A 102 -7.88 -0.32 -13.43
C THR A 102 -8.77 0.90 -13.68
N TRP A 103 -8.92 1.80 -12.71
CA TRP A 103 -9.80 2.95 -12.95
C TRP A 103 -9.18 4.08 -13.73
N LEU A 104 -7.86 4.18 -13.71
CA LEU A 104 -7.18 5.23 -14.46
C LEU A 104 -7.38 4.96 -15.94
N SER A 105 -7.34 3.68 -16.33
CA SER A 105 -7.51 3.38 -17.75
C SER A 105 -8.97 3.27 -18.19
N ALA A 106 -9.87 3.01 -17.25
CA ALA A 106 -11.30 2.83 -17.56
C ALA A 106 -12.16 4.09 -17.57
N LEU A 107 -11.88 5.02 -16.67
CA LEU A 107 -12.66 6.24 -16.60
C LEU A 107 -12.20 7.30 -17.60
N ARG A 108 -13.01 7.52 -18.62
CA ARG A 108 -12.66 8.52 -19.63
C ARG A 108 -13.56 9.75 -19.50
N PRO A 109 -12.94 10.95 -19.44
CA PRO A 109 -13.73 12.17 -19.32
C PRO A 109 -14.75 12.21 -20.45
N SER A 110 -16.04 12.18 -20.10
CA SER A 110 -17.10 12.18 -21.09
C SER A 110 -17.00 13.37 -22.03
N GLY A 111 -16.99 14.58 -21.47
CA GLY A 111 -16.90 15.78 -22.29
C GLY A 111 -16.38 16.98 -21.53
N PRO A 112 -16.63 18.17 -22.07
CA PRO A 112 -16.16 19.39 -21.43
C PRO A 112 -16.68 19.54 -20.01
N LEU A 114 -18.10 21.56 -18.18
CA LEU A 114 -19.29 21.21 -17.43
C LEU A 114 -19.69 22.30 -16.46
N SER A 115 -20.81 22.08 -15.76
CA SER A 115 -21.32 23.06 -14.80
C SER A 115 -20.85 22.73 -13.38
N GLY A 116 -19.56 22.99 -13.12
CA GLY A 116 -19.01 22.70 -11.81
C GLY A 116 -18.87 21.20 -11.63
N LEU A 117 -19.54 20.47 -12.52
CA LEU A 117 -19.55 19.02 -12.54
C LEU A 117 -18.68 18.48 -13.65
N LEU A 118 -17.95 17.43 -13.32
CA LEU A 118 -17.10 16.76 -14.28
C LEU A 118 -17.94 15.57 -14.71
N SER A 119 -17.82 15.14 -15.97
CA SER A 119 -18.57 14.01 -16.49
C SER A 119 -17.61 12.96 -17.03
N LEU A 120 -17.87 11.71 -16.68
CA LEU A 120 -17.03 10.59 -17.07
C LEU A 120 -17.90 9.47 -17.60
N GLU A 121 -17.27 8.56 -18.31
CA GLU A 121 -17.95 7.41 -18.87
C GLU A 121 -16.98 6.24 -18.88
N ALA A 122 -17.50 5.03 -18.71
CA ALA A 122 -16.65 3.85 -18.74
C ALA A 122 -17.43 2.59 -19.14
N GLU A 123 -16.70 1.61 -19.67
CA GLU A 123 -17.28 0.35 -20.07
C GLU A 123 -17.60 -0.41 -18.81
N GLU A 124 -18.85 -0.81 -18.63
CA GLU A 124 -19.23 -1.53 -17.42
C GLU A 124 -18.39 -2.77 -17.20
N ASN A 125 -17.98 -3.42 -18.29
CA ASN A 125 -17.18 -4.64 -18.16
C ASN A 125 -15.74 -4.37 -17.72
N ALA A 126 -15.33 -3.11 -17.83
CA ALA A 126 -13.98 -2.70 -17.40
C ALA A 126 -13.99 -2.47 -15.88
N LEU A 127 -15.12 -1.98 -15.35
CA LEU A 127 -15.30 -1.71 -13.92
C LEU A 127 -16.54 -2.43 -13.40
N PRO A 128 -16.43 -3.75 -13.21
CA PRO A 128 -17.52 -4.60 -12.72
C PRO A 128 -17.99 -4.29 -11.30
N GLY A 129 -19.26 -3.91 -11.18
CA GLY A 129 -19.86 -3.60 -9.88
C GLY A 129 -19.40 -2.28 -9.32
N PHE A 130 -18.92 -1.42 -10.20
CA PHE A 130 -18.42 -0.12 -9.81
C PHE A 130 -19.48 0.82 -9.27
N ALA A 131 -20.62 0.82 -9.95
CA ALA A 131 -21.72 1.68 -9.58
C ALA A 131 -22.31 1.25 -8.26
N GLU A 132 -22.36 -0.06 -8.02
CA GLU A 132 -22.89 -0.60 -6.79
C GLU A 132 -21.92 -0.32 -5.64
N ALA A 133 -20.62 -0.37 -5.92
CA ALA A 133 -19.66 -0.10 -4.86
C ALA A 133 -19.76 1.37 -4.49
N LEU A 134 -19.95 2.24 -5.49
CA LEU A 134 -20.07 3.65 -5.19
C LEU A 134 -21.30 3.95 -4.35
N ARG A 135 -22.44 3.35 -4.72
CA ARG A 135 -23.68 3.55 -3.98
C ARG A 135 -23.60 3.08 -2.52
N SER A 136 -23.15 1.84 -2.33
CA SER A 136 -23.05 1.26 -1.00
C SER A 136 -22.21 2.13 -0.08
N TYR A 137 -21.09 2.62 -0.60
CA TYR A 137 -20.23 3.45 0.18
C TYR A 137 -20.88 4.78 0.50
N GLN A 138 -21.41 5.44 -0.52
CA GLN A 138 -22.02 6.75 -0.30
C GLN A 138 -23.26 6.66 0.60
N GLU A 139 -23.96 5.54 0.55
CA GLU A 139 -25.12 5.37 1.43
C GLU A 139 -24.61 5.30 2.88
N ALA A 140 -23.54 4.54 3.09
CA ALA A 140 -22.98 4.42 4.43
C ALA A 140 -22.50 5.79 4.91
N ALA A 141 -21.84 6.54 4.04
CA ALA A 141 -21.37 7.84 4.45
C ALA A 141 -22.54 8.75 4.83
N ALA A 142 -23.58 8.77 4.01
CA ALA A 142 -24.75 9.63 4.29
C ALA A 142 -25.46 9.19 5.59
N ALA A 143 -25.45 7.90 5.88
CA ALA A 143 -26.07 7.39 7.09
C ALA A 143 -25.13 7.52 8.29
N GLY A 144 -23.89 7.88 8.05
CA GLY A 144 -22.94 7.98 9.15
C GLY A 144 -22.77 6.64 9.83
N THR A 145 -22.69 5.57 9.05
CA THR A 145 -22.54 4.24 9.61
C THR A 145 -21.15 3.63 9.36
N PHE A 146 -20.22 4.44 8.86
CA PHE A 146 -18.89 3.91 8.52
C PHE A 146 -17.87 4.97 8.88
N LEU A 147 -16.99 4.65 9.82
CA LEU A 147 -15.94 5.59 10.26
C LEU A 147 -14.66 4.80 10.02
N VAL A 148 -13.73 5.43 9.32
CA VAL A 148 -12.49 4.80 8.95
C VAL A 148 -11.35 5.42 9.75
N VAL A 149 -10.47 4.56 10.29
CA VAL A 149 -9.35 5.03 11.13
C VAL A 149 -8.11 4.25 10.75
N GLU A 150 -7.09 4.99 10.37
CA GLU A 150 -5.83 4.42 9.92
C GLU A 150 -4.82 4.26 11.06
N PHE A 151 -4.00 3.23 10.97
CA PHE A 151 -2.92 3.03 11.93
C PHE A 151 -1.76 2.51 11.11
N THR A 152 -0.55 2.63 11.60
CA THR A 152 0.59 2.08 10.86
C THR A 152 1.40 1.15 11.76
N THR A 153 1.94 1.69 12.85
CA THR A 153 2.76 0.90 13.78
C THR A 153 1.91 0.19 14.87
N LEU A 154 2.54 -0.70 15.62
CA LEU A 154 1.85 -1.38 16.72
C LEU A 154 1.34 -0.35 17.70
N ALA A 155 2.16 0.65 17.97
CA ALA A 155 1.82 1.73 18.89
C ALA A 155 0.56 2.47 18.44
N ASP A 156 0.47 2.77 17.13
CA ASP A 156 -0.71 3.45 16.58
C ASP A 156 -1.90 2.57 16.90
N TYR A 157 -1.75 1.31 16.51
CA TYR A 157 -2.81 0.30 16.67
C TYR A 157 -3.32 0.20 18.12
N LEU A 158 -2.39 0.01 19.05
CA LEU A 158 -2.74 -0.12 20.46
C LEU A 158 -3.49 1.11 20.95
N HIS A 159 -2.98 2.28 20.63
CA HIS A 159 -3.64 3.53 21.05
C HIS A 159 -5.06 3.65 20.42
N LEU A 160 -5.17 3.45 19.11
CA LEU A 160 -6.46 3.57 18.44
C LEU A 160 -7.45 2.43 18.83
N LEU A 161 -6.91 1.24 19.09
CA LEU A 161 -7.74 0.12 19.50
C LEU A 161 -8.43 0.48 20.85
N GLN A 162 -7.66 0.99 21.80
CA GLN A 162 -8.24 1.34 23.10
C GLN A 162 -9.31 2.41 22.96
N ALA A 163 -9.00 3.41 22.14
CA ALA A 163 -9.96 4.49 21.93
C ALA A 163 -11.25 3.97 21.32
N ALA A 164 -11.13 3.02 20.38
CA ALA A 164 -12.28 2.47 19.71
C ALA A 164 -13.05 1.57 20.68
N ALA A 165 -12.33 0.78 21.46
CA ALA A 165 -12.99 -0.13 22.42
C ALA A 165 -13.71 0.67 23.53
N GLN A 166 -13.08 1.73 24.01
CA GLN A 166 -13.73 2.56 25.02
C GLN A 166 -14.95 3.23 24.38
N ALA A 167 -14.88 3.56 23.10
CA ALA A 167 -16.02 4.17 22.43
C ALA A 167 -17.18 3.20 22.31
N LEU A 168 -16.87 1.91 22.17
CA LEU A 168 -17.91 0.91 22.03
C LEU A 168 -18.43 0.31 23.34
N ASN A 169 -17.75 0.57 24.45
CA ASN A 169 -18.18 0.02 25.74
C ASN A 169 -19.63 0.37 26.15
N PRO A 170 -20.08 1.61 25.90
CA PRO A 170 -21.46 2.00 26.26
C PRO A 170 -22.54 1.21 25.55
N LEU A 171 -22.22 0.54 24.45
CA LEU A 171 -23.25 -0.25 23.75
C LEU A 171 -23.39 -1.64 24.39
N GLY A 172 -22.55 -1.96 25.36
CA GLY A 172 -22.65 -3.27 26.00
C GLY A 172 -22.66 -4.38 24.95
N PRO A 173 -23.50 -5.41 25.11
CA PRO A 173 -23.62 -6.56 24.20
C PRO A 173 -23.83 -6.22 22.73
N SER A 174 -24.38 -5.05 22.42
CA SER A 174 -24.64 -4.69 21.01
C SER A 174 -23.42 -4.36 20.20
N ALA A 175 -22.27 -4.23 20.86
CA ALA A 175 -21.02 -3.94 20.16
C ALA A 175 -20.38 -5.26 19.79
N MET A 176 -19.68 -5.26 18.67
CA MET A 176 -18.98 -6.47 18.22
C MET A 176 -17.55 -6.08 17.91
N PHE A 177 -16.60 -6.96 18.18
CA PHE A 177 -15.21 -6.68 17.85
C PHE A 177 -14.79 -7.85 16.94
N TYR A 178 -14.44 -7.52 15.71
CA TYR A 178 -14.03 -8.49 14.68
C TYR A 178 -12.54 -8.19 14.45
N LEU A 179 -11.69 -8.83 15.25
CA LEU A 179 -10.25 -8.56 15.25
C LEU A 179 -9.44 -9.37 14.21
N ALA A 180 -9.50 -8.92 12.96
CA ALA A 180 -8.83 -9.57 11.85
C ALA A 180 -7.42 -9.06 11.59
N ALA A 181 -7.03 -7.95 12.18
CA ALA A 181 -5.68 -7.44 11.95
C ALA A 181 -4.61 -8.38 12.50
N ALA A 182 -3.49 -8.49 11.78
CA ALA A 182 -2.36 -9.33 12.21
C ALA A 182 -1.53 -8.45 13.12
N VAL A 183 -1.70 -8.62 14.43
CA VAL A 183 -1.00 -7.84 15.45
C VAL A 183 0.36 -8.41 15.83
N SER A 184 1.38 -7.56 15.80
CA SER A 184 2.75 -7.94 16.14
C SER A 184 2.83 -8.49 17.57
N ASP A 185 3.56 -9.57 17.74
CA ASP A 185 3.74 -10.21 19.06
C ASP A 185 5.06 -9.77 19.71
N PHE A 186 6.00 -9.28 18.90
CA PHE A 186 7.31 -8.84 19.38
C PHE A 186 7.59 -7.37 19.09
N TYR A 187 8.37 -6.72 19.95
CA TYR A 187 8.70 -5.32 19.71
C TYR A 187 10.10 -4.99 20.20
N VAL A 188 10.59 -3.80 19.86
CA VAL A 188 11.93 -3.36 20.24
C VAL A 188 11.78 -2.08 21.08
N PRO A 189 12.01 -2.19 22.39
CA PRO A 189 11.89 -1.06 23.34
C PRO A 189 12.85 0.10 23.05
N PRO A 204 26.53 -6.31 9.30
CA PRO A 204 25.63 -7.30 9.91
C PRO A 204 24.62 -6.62 10.84
N LEU A 205 23.33 -6.81 10.58
CA LEU A 205 22.30 -6.18 11.42
C LEU A 205 21.92 -7.06 12.61
N GLN A 206 22.06 -6.51 13.81
CA GLN A 206 21.74 -7.28 15.01
C GLN A 206 20.41 -6.85 15.57
N ILE A 207 19.46 -7.79 15.60
CA ILE A 207 18.14 -7.49 16.11
C ILE A 207 17.72 -8.47 17.21
N THR A 208 17.34 -7.94 18.36
CA THR A 208 16.88 -8.75 19.48
C THR A 208 15.64 -8.02 19.96
N MET A 209 14.55 -8.76 20.11
CA MET A 209 13.30 -8.14 20.52
C MET A 209 12.67 -8.77 21.76
N LYS A 210 11.79 -8.01 22.41
CA LYS A 210 11.10 -8.50 23.59
C LYS A 210 9.70 -8.92 23.16
N MET A 211 9.29 -10.11 23.59
CA MET A 211 7.97 -10.64 23.27
C MET A 211 6.98 -10.11 24.29
N VAL A 212 5.70 -10.04 23.91
CA VAL A 212 4.65 -9.56 24.80
C VAL A 212 3.44 -10.47 24.66
N PRO A 213 3.37 -11.52 25.50
CA PRO A 213 2.29 -12.51 25.54
C PRO A 213 0.87 -11.96 25.41
N LYS A 214 0.59 -10.89 26.14
CA LYS A 214 -0.72 -10.28 26.08
C LYS A 214 -1.05 -9.80 24.68
N LEU A 215 -0.03 -9.56 23.86
CA LEU A 215 -0.27 -9.08 22.50
C LEU A 215 -0.89 -10.17 21.63
N LEU A 216 -1.02 -11.37 22.20
CA LEU A 216 -1.63 -12.49 21.50
C LEU A 216 -3.11 -12.58 21.89
N SER A 217 -3.44 -12.05 23.07
CA SER A 217 -4.82 -12.03 23.58
C SER A 217 -5.59 -10.89 22.94
N PRO A 218 -6.94 -10.95 22.96
CA PRO A 218 -7.66 -9.83 22.37
C PRO A 218 -7.38 -8.85 23.49
N LEU A 219 -7.52 -7.57 23.29
CA LEU A 219 -7.21 -6.71 24.44
C LEU A 219 -8.45 -5.97 24.86
N VAL A 220 -9.39 -5.93 23.91
CA VAL A 220 -10.59 -5.15 24.04
C VAL A 220 -11.52 -5.44 25.18
N LYS A 221 -11.43 -6.62 25.78
CA LYS A 221 -12.33 -6.94 26.87
C LYS A 221 -12.04 -6.10 28.10
N ASP A 222 -10.81 -5.66 28.26
CA ASP A 222 -10.53 -4.84 29.42
C ASP A 222 -11.25 -3.49 29.32
N TRP A 223 -11.58 -3.07 28.10
CA TRP A 223 -12.24 -1.78 27.95
C TRP A 223 -13.72 -1.90 27.65
N ALA A 224 -14.13 -3.01 27.05
CA ALA A 224 -15.54 -3.19 26.71
C ALA A 224 -15.86 -4.63 27.07
N PRO A 225 -15.95 -4.92 28.36
CA PRO A 225 -16.23 -6.26 28.88
C PRO A 225 -17.55 -6.92 28.50
N LYS A 226 -18.49 -6.17 27.96
CA LYS A 226 -19.78 -6.76 27.65
C LYS A 226 -20.02 -7.02 26.18
N ALA A 227 -19.07 -6.61 25.36
CA ALA A 227 -19.14 -6.75 23.92
C ALA A 227 -18.97 -8.18 23.40
N PHE A 228 -19.42 -8.42 22.17
CA PHE A 228 -19.32 -9.73 21.53
C PHE A 228 -17.95 -9.71 20.80
N ILE A 229 -16.99 -10.44 21.34
CA ILE A 229 -15.63 -10.42 20.84
C ILE A 229 -15.17 -11.63 20.05
N ILE A 230 -14.65 -11.35 18.86
CA ILE A 230 -14.15 -12.39 17.94
C ILE A 230 -12.68 -12.18 17.56
N SER A 231 -11.84 -13.21 17.72
CA SER A 231 -10.43 -13.09 17.33
C SER A 231 -10.06 -14.08 16.23
N PHE A 232 -9.09 -13.68 15.40
CA PHE A 232 -8.64 -14.52 14.31
C PHE A 232 -7.30 -15.10 14.59
N LYS A 233 -7.17 -16.40 14.37
CA LYS A 233 -5.93 -17.10 14.60
C LYS A 233 -5.44 -17.54 13.23
N LEU A 234 -4.12 -17.72 13.10
CA LEU A 234 -3.45 -18.09 11.85
C LEU A 234 -3.25 -19.58 11.65
N GLU A 235 -3.04 -20.28 12.76
CA GLU A 235 -2.83 -21.72 12.78
C GLU A 235 -3.85 -22.38 11.86
N THR A 236 -3.42 -23.38 11.08
CA THR A 236 -4.31 -24.06 10.13
C THR A 236 -4.69 -25.49 10.50
N ASP A 237 -4.16 -26.02 11.59
CA ASP A 237 -4.54 -27.37 11.99
C ASP A 237 -5.77 -27.29 12.91
N PRO A 238 -6.85 -27.99 12.53
CA PRO A 238 -8.12 -28.04 13.27
C PRO A 238 -7.90 -28.27 14.77
N ALA A 239 -7.22 -29.38 15.06
CA ALA A 239 -6.92 -29.78 16.44
C ALA A 239 -6.23 -28.68 17.23
N ILE A 240 -5.16 -28.10 16.69
CA ILE A 240 -4.43 -27.03 17.37
C ILE A 240 -5.34 -25.82 17.62
N VAL A 241 -6.01 -25.38 16.56
CA VAL A 241 -6.90 -24.24 16.67
C VAL A 241 -7.99 -24.45 17.73
N ILE A 242 -8.70 -25.57 17.66
CA ILE A 242 -9.76 -25.81 18.64
C ILE A 242 -9.20 -25.85 20.04
N ASN A 243 -8.09 -26.56 20.22
CA ASN A 243 -7.47 -26.67 21.53
C ASN A 243 -6.90 -25.35 22.02
N ARG A 244 -6.32 -24.56 21.11
CA ARG A 244 -5.76 -23.26 21.48
C ARG A 244 -6.89 -22.28 21.80
N ALA A 245 -7.88 -22.21 20.91
CA ALA A 245 -9.02 -21.32 21.10
C ALA A 245 -9.77 -21.61 22.39
N ARG A 246 -10.02 -22.89 22.66
CA ARG A 246 -10.75 -23.25 23.86
C ARG A 246 -10.03 -22.76 25.12
N LYS A 247 -8.70 -22.82 25.10
CA LYS A 247 -7.96 -22.35 26.25
C LYS A 247 -8.04 -20.84 26.33
N ALA A 248 -7.78 -20.20 25.19
CA ALA A 248 -7.78 -18.74 25.10
C ALA A 248 -9.13 -18.20 25.50
N LEU A 249 -10.19 -18.90 25.11
CA LEU A 249 -11.53 -18.45 25.42
C LEU A 249 -11.81 -18.51 26.93
N GLU A 250 -11.29 -19.54 27.61
CA GLU A 250 -11.54 -19.65 29.05
C GLU A 250 -10.73 -18.62 29.84
N ILE A 251 -9.52 -18.31 29.37
CA ILE A 251 -8.71 -17.33 30.08
C ILE A 251 -9.15 -15.88 29.83
N TYR A 252 -9.17 -15.47 28.56
CA TYR A 252 -9.53 -14.10 28.20
C TYR A 252 -11.02 -13.78 28.20
N GLN A 253 -11.82 -14.82 28.04
CA GLN A 253 -13.26 -14.68 28.04
C GLN A 253 -13.88 -13.95 26.84
N HIS A 254 -13.24 -13.98 25.67
CA HIS A 254 -13.92 -13.39 24.52
C HIS A 254 -14.88 -14.50 24.08
N GLN A 255 -15.63 -14.32 23.00
CA GLN A 255 -16.61 -15.34 22.64
C GLN A 255 -16.30 -16.30 21.49
N VAL A 256 -15.62 -15.80 20.46
CA VAL A 256 -15.36 -16.60 19.27
C VAL A 256 -13.95 -16.49 18.73
N VAL A 257 -13.45 -17.59 18.18
CA VAL A 257 -12.15 -17.63 17.55
C VAL A 257 -12.42 -18.14 16.13
N VAL A 258 -11.84 -17.46 15.16
CA VAL A 258 -12.00 -17.82 13.76
C VAL A 258 -10.64 -18.12 13.16
N ALA A 259 -10.60 -19.16 12.34
CA ALA A 259 -9.37 -19.56 11.68
C ALA A 259 -9.68 -20.17 10.32
N ASN A 260 -8.73 -20.05 9.40
CA ASN A 260 -8.89 -20.66 8.08
C ASN A 260 -8.10 -21.97 8.16
N ILE A 261 -8.78 -23.07 7.87
CA ILE A 261 -8.17 -24.38 7.90
C ILE A 261 -8.14 -24.96 6.49
N PHE A 268 -11.22 -24.37 4.42
CA PHE A 268 -12.51 -24.01 5.02
C PHE A 268 -12.33 -23.09 6.24
N VAL A 269 -13.38 -22.34 6.56
CA VAL A 269 -13.31 -21.48 7.73
C VAL A 269 -13.90 -22.17 8.95
N LEU A 270 -13.14 -22.14 10.03
CA LEU A 270 -13.54 -22.76 11.27
C LEU A 270 -13.91 -21.70 12.30
N ILE A 271 -15.15 -21.76 12.76
CA ILE A 271 -15.61 -20.81 13.79
C ILE A 271 -15.71 -21.60 15.10
N VAL A 272 -14.99 -21.15 16.11
CA VAL A 272 -14.95 -21.85 17.39
C VAL A 272 -15.38 -21.05 18.63
N THR A 273 -16.23 -21.66 19.46
CA THR A 273 -16.68 -21.05 20.71
C THR A 273 -16.44 -22.09 21.82
N LYS A 274 -16.75 -21.75 23.07
CA LYS A 274 -16.51 -22.70 24.15
C LYS A 274 -17.29 -24.02 24.02
N ASP A 275 -18.40 -24.01 23.29
CA ASP A 275 -19.22 -25.22 23.18
C ASP A 275 -19.66 -25.57 21.77
N SER A 276 -18.95 -25.05 20.77
CA SER A 276 -19.27 -25.38 19.40
C SER A 276 -18.10 -25.15 18.48
N GLU A 277 -18.24 -25.69 17.27
CA GLU A 277 -17.23 -25.52 16.24
C GLU A 277 -17.93 -25.74 14.93
N THR A 278 -17.89 -24.71 14.10
CA THR A 278 -18.54 -24.71 12.81
C THR A 278 -17.53 -24.62 11.66
N LYS A 279 -17.71 -25.47 10.67
CA LYS A 279 -16.84 -25.42 9.51
C LYS A 279 -17.67 -24.85 8.37
N LEU A 280 -17.31 -23.67 7.89
CA LEU A 280 -18.05 -23.08 6.78
C LEU A 280 -17.45 -23.54 5.47
N LEU A 281 -18.30 -23.70 4.46
CA LEU A 281 -17.85 -24.13 3.16
C LEU A 281 -18.48 -23.27 2.07
N LEU A 282 -17.69 -22.95 1.07
CA LEU A 282 -18.17 -22.13 -0.03
C LEU A 282 -18.63 -23.10 -1.12
N SER A 283 -19.91 -23.02 -1.48
CA SER A 283 -20.44 -23.90 -2.49
C SER A 283 -20.01 -23.48 -3.88
N GLU A 284 -19.56 -24.46 -4.68
CA GLU A 284 -19.12 -24.16 -6.03
C GLU A 284 -20.16 -23.38 -6.80
N GLU A 285 -21.43 -23.59 -6.44
CA GLU A 285 -22.55 -22.90 -7.06
C GLU A 285 -22.48 -21.42 -6.68
N GLU A 286 -22.17 -21.17 -5.41
CA GLU A 286 -22.06 -19.81 -4.89
C GLU A 286 -20.78 -19.17 -5.41
N ILE A 287 -19.71 -19.96 -5.52
CA ILE A 287 -18.43 -19.47 -6.00
C ILE A 287 -18.59 -18.84 -7.39
N GLU A 288 -19.22 -19.58 -8.30
CA GLU A 288 -19.44 -19.07 -9.63
C GLU A 288 -20.32 -17.83 -9.65
N LYS A 289 -21.25 -17.75 -8.71
CA LYS A 289 -22.15 -16.60 -8.62
C LYS A 289 -21.43 -15.39 -8.01
N GLY A 290 -20.15 -15.57 -7.68
CA GLY A 290 -19.37 -14.50 -7.09
C GLY A 290 -19.63 -14.27 -5.60
N VAL A 291 -19.80 -15.34 -4.82
CA VAL A 291 -20.03 -15.22 -3.39
C VAL A 291 -18.70 -15.41 -2.64
N GLU A 292 -18.34 -14.43 -1.82
CA GLU A 292 -17.10 -14.51 -1.04
C GLU A 292 -17.39 -15.12 0.32
N ILE A 293 -16.42 -15.82 0.88
CA ILE A 293 -16.59 -16.48 2.15
C ILE A 293 -16.82 -15.52 3.32
N GLU A 294 -16.36 -14.28 3.20
CA GLU A 294 -16.54 -13.32 4.29
C GLU A 294 -18.02 -13.03 4.51
N GLU A 295 -18.80 -13.10 3.44
CA GLU A 295 -20.22 -12.85 3.54
C GLU A 295 -20.88 -13.90 4.44
N LYS A 296 -20.38 -15.13 4.37
CA LYS A 296 -20.94 -16.22 5.15
C LYS A 296 -20.42 -16.16 6.57
N ILE A 297 -19.22 -15.61 6.73
CA ILE A 297 -18.65 -15.49 8.08
C ILE A 297 -19.52 -14.47 8.81
N VAL A 298 -19.73 -13.33 8.17
CA VAL A 298 -20.50 -12.25 8.76
C VAL A 298 -21.92 -12.71 9.04
N ASP A 299 -22.48 -13.51 8.14
CA ASP A 299 -23.83 -14.02 8.30
C ASP A 299 -23.93 -14.93 9.55
N ASN A 300 -23.00 -15.85 9.69
CA ASN A 300 -22.99 -16.75 10.83
C ASN A 300 -22.69 -16.00 12.15
N LEU A 301 -21.84 -14.97 12.11
CA LEU A 301 -21.51 -14.21 13.32
C LEU A 301 -22.64 -13.29 13.74
N GLN A 302 -23.31 -12.73 12.76
CA GLN A 302 -24.39 -11.85 13.05
C GLN A 302 -25.50 -12.62 13.80
N SER A 303 -25.81 -13.85 13.37
CA SER A 303 -26.83 -14.61 14.06
C SER A 303 -26.33 -15.02 15.45
N ARG A 304 -25.04 -15.28 15.59
CA ARG A 304 -24.51 -15.61 16.91
C ARG A 304 -24.62 -14.38 17.84
N HIS A 305 -24.42 -13.20 17.26
CA HIS A 305 -24.45 -11.94 17.97
C HIS A 305 -25.85 -11.69 18.52
N THR A 306 -26.84 -11.95 17.68
CA THR A 306 -28.25 -11.81 18.06
C THR A 306 -28.53 -12.65 19.30
N ALA A 307 -28.02 -13.88 19.32
CA ALA A 307 -28.26 -14.72 20.48
C ALA A 307 -27.53 -14.17 21.71
N PHE A 308 -26.33 -13.67 21.50
CA PHE A 308 -25.51 -13.11 22.59
C PHE A 308 -26.24 -11.91 23.20
N ILE A 309 -26.86 -11.10 22.36
CA ILE A 309 -27.58 -9.93 22.84
C ILE A 309 -28.84 -10.30 23.65
N VAL B 9 21.54 -11.02 -8.61
CA VAL B 9 22.35 -12.22 -8.47
C VAL B 9 21.47 -13.47 -8.38
N ALA B 10 22.04 -14.62 -8.72
CA ALA B 10 21.33 -15.89 -8.72
C ALA B 10 20.87 -16.37 -7.35
N GLU B 11 21.56 -15.91 -6.30
CA GLU B 11 21.22 -16.31 -4.94
C GLU B 11 19.78 -15.94 -4.55
N PHE B 12 19.17 -15.06 -5.35
CA PHE B 12 17.81 -14.61 -5.07
C PHE B 12 16.84 -15.23 -6.05
N PRO B 13 15.70 -15.71 -5.54
CA PRO B 13 14.65 -16.33 -6.37
C PRO B 13 14.17 -15.31 -7.40
N GLN B 14 13.91 -15.79 -8.60
CA GLN B 14 13.43 -14.97 -9.70
C GLN B 14 11.96 -14.64 -9.56
N PRO B 15 11.58 -13.40 -9.89
CA PRO B 15 10.20 -12.94 -9.83
C PRO B 15 9.40 -13.72 -10.87
N PRO B 16 8.09 -13.89 -10.66
CA PRO B 16 7.26 -14.62 -11.62
C PRO B 16 7.26 -13.97 -13.01
N GLY B 17 7.59 -14.75 -14.04
CA GLY B 17 7.61 -14.21 -15.39
C GLY B 17 8.68 -13.16 -15.65
N ALA B 18 9.82 -13.32 -14.98
CA ALA B 18 10.94 -12.40 -15.10
C ALA B 18 11.40 -12.23 -16.54
N ALA B 19 11.58 -13.35 -17.24
CA ALA B 19 12.02 -13.33 -18.63
C ALA B 19 11.06 -12.53 -19.50
N ARG B 20 9.76 -12.73 -19.29
CA ARG B 20 8.75 -12.02 -20.05
C ARG B 20 8.89 -10.53 -19.74
N TRP B 21 9.13 -10.21 -18.47
CA TRP B 21 9.32 -8.82 -18.02
C TRP B 21 10.54 -8.24 -18.75
N ALA B 22 11.60 -9.01 -18.84
CA ALA B 22 12.79 -8.57 -19.54
C ALA B 22 12.46 -8.22 -20.98
N GLU B 23 11.69 -9.10 -21.65
CA GLU B 23 11.33 -8.89 -23.04
C GLU B 23 10.41 -7.72 -23.23
N VAL B 24 9.40 -7.58 -22.39
CA VAL B 24 8.49 -6.46 -22.51
C VAL B 24 9.31 -5.16 -22.35
N MET B 25 10.23 -5.16 -21.39
CA MET B 25 11.05 -3.98 -21.16
C MET B 25 11.94 -3.66 -22.38
N ALA B 26 12.65 -4.66 -22.89
CA ALA B 26 13.52 -4.47 -24.07
C ALA B 26 12.78 -3.86 -25.27
N ARG B 27 11.55 -4.28 -25.48
CA ARG B 27 10.73 -3.79 -26.61
C ARG B 27 10.13 -2.40 -26.40
N PHE B 28 9.78 -2.08 -25.17
CA PHE B 28 9.21 -0.78 -24.86
C PHE B 28 10.32 0.25 -25.06
N ALA B 29 11.53 -0.10 -24.61
CA ALA B 29 12.70 0.78 -24.74
C ALA B 29 13.15 0.95 -26.20
N ALA B 30 13.29 -0.15 -26.92
CA ALA B 30 13.72 -0.11 -28.32
C ALA B 30 12.72 0.69 -29.17
N ARG B 31 11.43 0.47 -28.95
CA ARG B 31 10.42 1.19 -29.69
C ARG B 31 10.54 2.69 -29.47
N LEU B 32 10.90 3.10 -28.25
CA LEU B 32 11.01 4.53 -27.98
C LEU B 32 12.36 5.08 -28.43
N GLY B 33 13.40 4.26 -28.36
CA GLY B 33 14.70 4.73 -28.81
C GLY B 33 14.61 5.06 -30.29
N ALA B 34 13.93 4.20 -31.05
CA ALA B 34 13.78 4.41 -32.48
C ALA B 34 12.97 5.66 -32.80
N GLN B 35 12.20 6.14 -31.84
CA GLN B 35 11.42 7.35 -32.08
C GLN B 35 12.25 8.56 -31.68
N GLY B 36 13.46 8.31 -31.16
CA GLY B 36 14.31 9.40 -30.73
C GLY B 36 13.85 9.95 -29.38
N ARG B 37 13.13 9.12 -28.64
CA ARG B 37 12.62 9.54 -27.34
C ARG B 37 13.54 9.09 -26.20
N ARG B 38 13.75 9.99 -25.23
CA ARG B 38 14.57 9.64 -24.09
C ARG B 38 13.70 8.74 -23.19
N VAL B 39 14.32 7.77 -22.53
CA VAL B 39 13.61 6.88 -21.63
C VAL B 39 14.29 6.88 -20.27
N VAL B 40 13.49 7.00 -19.23
CA VAL B 40 14.04 6.97 -17.89
C VAL B 40 13.40 5.83 -17.08
N LEU B 41 14.23 5.13 -16.34
CA LEU B 41 13.73 4.10 -15.44
C LEU B 41 13.58 4.83 -14.10
N VAL B 42 12.38 4.89 -13.58
CA VAL B 42 12.18 5.51 -12.28
C VAL B 42 11.95 4.36 -11.33
N THR B 43 12.77 4.24 -10.27
CA THR B 43 12.51 3.18 -9.28
C THR B 43 11.79 3.91 -8.13
N SER B 44 10.82 3.26 -7.49
CA SER B 44 10.04 3.95 -6.46
C SER B 44 9.49 2.96 -5.42
N GLY B 45 9.36 3.42 -4.18
CA GLY B 45 8.86 2.56 -3.13
C GLY B 45 10.00 1.81 -2.46
N GLY B 46 9.70 1.06 -1.41
CA GLY B 46 10.73 0.30 -0.72
C GLY B 46 10.63 -1.20 -0.97
N THR B 47 11.71 -1.92 -0.64
CA THR B 47 11.75 -3.36 -0.80
C THR B 47 11.64 -3.97 0.59
N LYS B 48 11.26 -5.23 0.66
CA LYS B 48 11.21 -5.88 1.96
C LYS B 48 11.93 -7.23 1.82
N VAL B 49 12.40 -7.76 2.95
CA VAL B 49 13.09 -9.03 2.91
C VAL B 49 12.53 -10.02 3.93
N PRO B 50 12.40 -11.28 3.53
CA PRO B 50 11.88 -12.36 4.38
C PRO B 50 12.93 -12.72 5.42
N LEU B 51 12.49 -13.32 6.54
CA LEU B 51 13.43 -13.72 7.58
C LEU B 51 13.37 -15.21 7.87
N GLU B 52 12.33 -15.86 7.35
CA GLU B 52 12.14 -17.30 7.54
C GLU B 52 11.40 -17.89 6.34
N ALA B 53 11.30 -19.21 6.28
CA ALA B 53 10.58 -19.84 5.19
C ALA B 53 9.10 -19.53 5.35
N ARG B 54 8.33 -19.66 4.27
CA ARG B 54 6.91 -19.36 4.35
C ARG B 54 6.66 -18.04 5.07
N PRO B 55 7.27 -16.94 4.59
CA PRO B 55 7.18 -15.57 5.12
C PRO B 55 5.83 -14.92 5.38
N VAL B 56 5.61 -14.52 6.64
CA VAL B 56 4.40 -13.80 7.06
C VAL B 56 4.89 -12.56 7.81
N ARG B 57 6.22 -12.43 7.91
CA ARG B 57 6.85 -11.28 8.57
C ARG B 57 8.11 -10.94 7.75
N PHE B 58 8.34 -9.65 7.53
CA PHE B 58 9.48 -9.19 6.72
C PHE B 58 10.14 -7.97 7.32
N LEU B 59 11.40 -7.72 6.93
CA LEU B 59 12.05 -6.48 7.35
C LEU B 59 11.75 -5.60 6.13
N ASP B 60 11.08 -4.49 6.37
CA ASP B 60 10.66 -3.62 5.27
C ASP B 60 11.30 -2.27 5.24
N ASN B 61 12.05 -1.97 4.18
CA ASN B 61 12.64 -0.65 4.08
C ASN B 61 11.56 0.23 3.50
N PHE B 62 11.03 1.08 4.35
CA PHE B 62 9.95 1.96 3.96
C PHE B 62 10.19 3.21 3.12
N SER B 63 9.21 3.45 2.27
CA SER B 63 9.10 4.60 1.38
C SER B 63 7.70 4.54 0.76
N SER B 64 6.95 5.61 0.91
CA SER B 64 5.60 5.69 0.39
C SER B 64 5.62 5.64 -1.14
N GLY B 65 6.71 6.11 -1.73
CA GLY B 65 6.81 6.15 -3.18
C GLY B 65 6.17 7.40 -3.77
N ARG B 66 5.64 8.27 -2.91
CA ARG B 66 5.00 9.50 -3.37
C ARG B 66 5.91 10.33 -4.30
N ARG B 67 7.13 10.63 -3.87
CA ARG B 67 8.02 11.40 -4.72
C ARG B 67 8.40 10.69 -6.03
N GLY B 68 8.59 9.37 -5.98
CA GLY B 68 8.92 8.64 -7.18
C GLY B 68 7.74 8.71 -8.17
N ALA B 69 6.52 8.50 -7.66
CA ALA B 69 5.33 8.55 -8.52
C ALA B 69 5.19 9.94 -9.10
N THR B 70 5.35 10.97 -8.28
CA THR B 70 5.23 12.34 -8.78
C THR B 70 6.30 12.64 -9.85
N SER B 71 7.52 12.16 -9.63
CA SER B 71 8.61 12.35 -10.58
C SER B 71 8.26 11.67 -11.92
N ALA B 72 7.66 10.49 -11.87
CA ALA B 72 7.27 9.80 -13.10
C ALA B 72 6.29 10.67 -13.89
N GLU B 73 5.33 11.27 -13.19
CA GLU B 73 4.34 12.13 -13.86
C GLU B 73 5.05 13.31 -14.52
N ALA B 74 6.02 13.91 -13.84
CA ALA B 74 6.70 15.07 -14.42
C ALA B 74 7.59 14.67 -15.60
N PHE B 75 8.18 13.49 -15.53
CA PHE B 75 9.04 13.04 -16.61
C PHE B 75 8.17 12.85 -17.84
N LEU B 76 6.96 12.34 -17.64
CA LEU B 76 6.03 12.12 -18.74
C LEU B 76 5.62 13.47 -19.34
N ALA B 77 5.40 14.45 -18.48
CA ALA B 77 5.00 15.76 -18.92
C ALA B 77 6.14 16.40 -19.71
N ALA B 78 7.36 15.90 -19.52
CA ALA B 78 8.50 16.45 -20.25
C ALA B 78 8.78 15.65 -21.51
N GLY B 79 7.91 14.70 -21.83
CA GLY B 79 8.07 13.92 -23.04
C GLY B 79 8.95 12.68 -22.97
N TYR B 80 9.40 12.34 -21.77
CA TYR B 80 10.23 11.16 -21.60
C TYR B 80 9.35 9.90 -21.65
N GLY B 81 9.97 8.78 -22.00
CA GLY B 81 9.26 7.53 -21.98
C GLY B 81 9.60 7.07 -20.57
N VAL B 82 8.62 6.64 -19.79
CA VAL B 82 8.88 6.19 -18.42
C VAL B 82 8.65 4.72 -18.07
N LEU B 83 9.70 4.08 -17.57
CA LEU B 83 9.67 2.70 -17.13
C LEU B 83 9.62 2.85 -15.59
N PHE B 84 8.48 2.56 -14.98
CA PHE B 84 8.28 2.70 -13.54
C PHE B 84 8.37 1.39 -12.78
N LEU B 85 9.52 1.13 -12.16
CA LEU B 85 9.73 -0.09 -11.39
C LEU B 85 9.41 0.31 -9.94
N TYR B 86 8.27 -0.16 -9.43
CA TYR B 86 7.84 0.26 -8.09
C TYR B 86 7.29 -0.83 -7.19
N ARG B 87 7.35 -0.55 -5.89
CA ARG B 87 6.85 -1.47 -4.89
C ARG B 87 5.33 -1.59 -5.02
N ALA B 88 4.84 -2.82 -5.17
CA ALA B 88 3.39 -3.01 -5.31
C ALA B 88 2.68 -2.31 -4.17
N ARG B 89 1.65 -1.54 -4.49
CA ARG B 89 0.86 -0.83 -3.46
C ARG B 89 1.47 0.47 -2.91
N SER B 90 2.66 0.86 -3.37
CA SER B 90 3.25 2.13 -2.95
C SER B 90 2.57 3.11 -3.90
N ALA B 91 2.79 4.40 -3.73
CA ALA B 91 2.16 5.39 -4.59
C ALA B 91 2.25 5.13 -6.11
N PHE B 92 1.11 5.20 -6.76
CA PHE B 92 1.04 5.02 -8.20
C PHE B 92 0.81 6.37 -8.84
N PRO B 93 1.57 6.68 -9.90
CA PRO B 93 1.46 7.96 -10.61
C PRO B 93 0.00 8.34 -10.91
N TYR B 94 -0.34 9.60 -10.64
CA TYR B 94 -1.69 10.13 -10.85
C TYR B 94 -2.69 9.70 -9.78
N ALA B 95 -2.85 8.38 -9.63
CA ALA B 95 -3.81 7.85 -8.66
C ALA B 95 -3.51 8.25 -7.23
N HIS B 96 -2.22 8.36 -6.87
CA HIS B 96 -1.86 8.68 -5.49
C HIS B 96 -2.44 10.00 -5.01
N ARG B 97 -2.80 10.87 -5.96
CA ARG B 97 -3.40 12.15 -5.62
C ARG B 97 -4.91 12.00 -5.29
N PHE B 98 -5.51 10.85 -5.58
CA PHE B 98 -6.95 10.63 -5.34
C PHE B 98 -7.10 9.27 -4.71
N PRO B 99 -6.84 9.18 -3.41
CA PRO B 99 -6.95 7.90 -2.70
C PRO B 99 -8.39 7.42 -2.60
N PRO B 100 -8.57 6.13 -2.34
CA PRO B 100 -9.87 5.46 -2.19
C PRO B 100 -11.02 6.33 -1.66
N GLN B 101 -10.90 6.77 -0.42
CA GLN B 101 -11.92 7.58 0.21
C GLN B 101 -12.30 8.78 -0.63
N THR B 102 -11.34 9.40 -1.29
CA THR B 102 -11.66 10.56 -2.10
C THR B 102 -12.53 10.27 -3.32
N TRP B 103 -12.21 9.26 -4.12
CA TRP B 103 -13.03 9.03 -5.29
C TRP B 103 -14.30 8.21 -4.97
N LEU B 104 -14.25 7.39 -3.93
CA LEU B 104 -15.45 6.63 -3.56
C LEU B 104 -16.54 7.58 -3.13
N SER B 105 -16.19 8.74 -2.59
CA SER B 105 -17.24 9.66 -2.16
C SER B 105 -17.59 10.80 -3.12
N ALA B 106 -16.72 11.06 -4.10
CA ALA B 106 -16.95 12.11 -5.08
C ALA B 106 -17.60 11.63 -6.37
N LEU B 107 -17.27 10.41 -6.81
CA LEU B 107 -17.84 9.87 -8.05
C LEU B 107 -19.22 9.28 -7.84
N ARG B 108 -20.22 9.83 -8.50
CA ARG B 108 -21.56 9.33 -8.35
C ARG B 108 -22.20 8.94 -9.69
N PRO B 109 -22.86 7.77 -9.72
CA PRO B 109 -23.54 7.29 -10.93
C PRO B 109 -24.70 8.21 -11.32
N SER B 115 -26.66 0.62 -20.34
CA SER B 115 -26.28 1.03 -21.69
C SER B 115 -25.00 0.33 -22.16
N GLY B 116 -24.39 -0.46 -21.27
CA GLY B 116 -23.15 -1.15 -21.60
C GLY B 116 -22.00 -0.21 -21.29
N LEU B 117 -22.35 1.07 -21.19
CA LEU B 117 -21.40 2.13 -20.92
C LEU B 117 -21.96 2.90 -19.72
N LEU B 118 -21.18 2.93 -18.64
CA LEU B 118 -21.57 3.61 -17.40
C LEU B 118 -21.26 5.09 -17.44
N SER B 119 -22.10 5.91 -16.81
CA SER B 119 -21.85 7.34 -16.79
C SER B 119 -21.67 7.85 -15.35
N LEU B 120 -20.76 8.81 -15.17
CA LEU B 120 -20.49 9.33 -13.83
C LEU B 120 -20.26 10.83 -13.83
N GLU B 121 -20.51 11.45 -12.67
CA GLU B 121 -20.35 12.89 -12.50
C GLU B 121 -19.76 13.17 -11.11
N ALA B 122 -19.05 14.28 -10.99
CA ALA B 122 -18.47 14.63 -9.70
C ALA B 122 -18.09 16.10 -9.67
N GLU B 123 -18.22 16.72 -8.49
CA GLU B 123 -17.83 18.11 -8.35
C GLU B 123 -16.34 18.17 -8.66
N GLU B 124 -15.96 18.99 -9.63
CA GLU B 124 -14.55 19.11 -9.97
C GLU B 124 -13.80 19.58 -8.73
N ASN B 125 -14.53 20.29 -7.89
CA ASN B 125 -13.97 20.80 -6.64
C ASN B 125 -13.50 19.64 -5.79
N ALA B 126 -14.30 18.58 -5.75
CA ALA B 126 -13.97 17.40 -4.96
C ALA B 126 -12.76 16.60 -5.52
N LEU B 127 -12.54 16.64 -6.83
CA LEU B 127 -11.43 15.91 -7.42
C LEU B 127 -10.63 16.83 -8.31
N PRO B 128 -9.96 17.81 -7.70
CA PRO B 128 -9.13 18.81 -8.38
C PRO B 128 -8.14 18.18 -9.33
N GLY B 129 -8.24 18.57 -10.60
CA GLY B 129 -7.33 18.05 -11.62
C GLY B 129 -7.53 16.59 -11.95
N PHE B 130 -8.65 16.01 -11.52
CA PHE B 130 -8.93 14.61 -11.79
C PHE B 130 -8.94 14.31 -13.28
N ALA B 131 -9.61 15.16 -14.05
CA ALA B 131 -9.70 14.96 -15.50
C ALA B 131 -8.35 15.02 -16.21
N GLU B 132 -7.55 16.03 -15.89
CA GLU B 132 -6.24 16.15 -16.53
C GLU B 132 -5.36 14.95 -16.16
N ALA B 133 -5.58 14.40 -14.95
CA ALA B 133 -4.79 13.24 -14.53
C ALA B 133 -5.13 12.03 -15.41
N LEU B 134 -6.43 11.76 -15.58
CA LEU B 134 -6.86 10.64 -16.42
C LEU B 134 -6.36 10.78 -17.85
N ARG B 135 -6.39 12.01 -18.36
CA ARG B 135 -5.95 12.28 -19.73
C ARG B 135 -4.45 12.03 -19.89
N SER B 136 -3.66 12.59 -18.98
CA SER B 136 -2.21 12.40 -19.03
C SER B 136 -1.84 10.92 -19.03
N TYR B 137 -2.52 10.16 -18.17
CA TYR B 137 -2.29 8.72 -18.06
C TYR B 137 -2.73 8.02 -19.34
N GLN B 138 -3.93 8.36 -19.80
CA GLN B 138 -4.44 7.74 -21.00
C GLN B 138 -3.60 8.09 -22.21
N GLU B 139 -3.15 9.35 -22.30
CA GLU B 139 -2.31 9.74 -23.42
C GLU B 139 -1.03 8.87 -23.42
N ALA B 140 -0.44 8.71 -22.24
CA ALA B 140 0.78 7.91 -22.09
C ALA B 140 0.58 6.46 -22.47
N ALA B 141 -0.54 5.88 -22.08
CA ALA B 141 -0.83 4.48 -22.42
C ALA B 141 -1.07 4.37 -23.94
N ALA B 142 -1.80 5.32 -24.49
CA ALA B 142 -2.09 5.32 -25.92
C ALA B 142 -0.80 5.40 -26.71
N ALA B 143 0.06 6.34 -26.34
CA ALA B 143 1.35 6.53 -27.02
C ALA B 143 2.40 5.49 -26.67
N GLY B 144 2.10 4.56 -25.78
CA GLY B 144 3.10 3.57 -25.40
C GLY B 144 4.30 4.20 -24.66
N THR B 145 4.07 5.29 -23.92
CA THR B 145 5.17 5.92 -23.21
C THR B 145 5.31 5.61 -21.72
N PHE B 146 4.49 4.72 -21.17
CA PHE B 146 4.55 4.44 -19.73
C PHE B 146 4.40 2.95 -19.44
N LEU B 147 5.50 2.31 -19.07
CA LEU B 147 5.46 0.89 -18.75
C LEU B 147 5.66 0.72 -17.25
N VAL B 148 4.76 -0.02 -16.64
CA VAL B 148 4.77 -0.26 -15.19
C VAL B 148 5.19 -1.67 -14.80
N VAL B 149 6.18 -1.79 -13.92
CA VAL B 149 6.65 -3.10 -13.46
C VAL B 149 6.64 -3.17 -11.92
N GLU B 150 5.81 -4.02 -11.35
CA GLU B 150 5.72 -4.13 -9.91
C GLU B 150 6.77 -5.05 -9.28
N PHE B 151 7.24 -4.71 -8.08
CA PHE B 151 8.12 -5.61 -7.34
C PHE B 151 7.64 -5.56 -5.88
N THR B 152 8.06 -6.54 -5.10
CA THR B 152 7.73 -6.54 -3.70
C THR B 152 8.98 -6.80 -2.87
N THR B 153 9.63 -7.95 -3.05
CA THR B 153 10.82 -8.27 -2.26
C THR B 153 12.10 -7.67 -2.85
N LEU B 154 13.19 -7.81 -2.11
CA LEU B 154 14.48 -7.37 -2.62
C LEU B 154 14.83 -8.24 -3.85
N ALA B 155 14.50 -9.52 -3.76
CA ALA B 155 14.80 -10.46 -4.86
C ALA B 155 14.10 -10.01 -6.14
N ASP B 156 12.81 -9.67 -6.01
CA ASP B 156 12.07 -9.19 -7.17
C ASP B 156 12.81 -7.99 -7.79
N TYR B 157 13.05 -6.98 -6.96
CA TYR B 157 13.70 -5.75 -7.37
C TYR B 157 15.02 -5.98 -8.13
N LEU B 158 15.95 -6.70 -7.52
CA LEU B 158 17.26 -6.95 -8.13
C LEU B 158 17.16 -7.60 -9.52
N HIS B 159 16.29 -8.60 -9.65
CA HIS B 159 16.11 -9.25 -10.94
C HIS B 159 15.46 -8.29 -11.94
N LEU B 160 14.43 -7.55 -11.52
CA LEU B 160 13.77 -6.67 -12.48
C LEU B 160 14.61 -5.44 -12.85
N LEU B 161 15.52 -5.06 -11.96
CA LEU B 161 16.38 -3.91 -12.19
C LEU B 161 17.45 -4.26 -13.25
N GLN B 162 17.98 -5.46 -13.16
CA GLN B 162 18.97 -5.94 -14.12
C GLN B 162 18.27 -6.02 -15.49
N ALA B 163 17.06 -6.55 -15.50
CA ALA B 163 16.31 -6.62 -16.75
C ALA B 163 16.12 -5.23 -17.36
N ALA B 164 15.82 -4.26 -16.49
CA ALA B 164 15.57 -2.88 -16.91
C ALA B 164 16.86 -2.24 -17.42
N ALA B 165 17.98 -2.57 -16.80
CA ALA B 165 19.26 -2.04 -17.22
C ALA B 165 19.61 -2.60 -18.61
N GLN B 166 19.44 -3.90 -18.79
CA GLN B 166 19.73 -4.52 -20.08
C GLN B 166 18.78 -3.96 -21.13
N ALA B 167 17.56 -3.63 -20.71
CA ALA B 167 16.58 -3.06 -21.64
C ALA B 167 16.95 -1.64 -22.11
N LEU B 168 17.57 -0.85 -21.23
CA LEU B 168 17.89 0.54 -21.58
C LEU B 168 19.28 0.76 -22.14
N ASN B 169 20.15 -0.23 -21.95
CA ASN B 169 21.54 -0.15 -22.41
C ASN B 169 21.66 0.29 -23.87
N PRO B 170 20.91 -0.35 -24.79
CA PRO B 170 21.01 0.04 -26.20
C PRO B 170 20.74 1.51 -26.46
N LEU B 171 20.11 2.19 -25.50
CA LEU B 171 19.81 3.61 -25.71
C LEU B 171 20.99 4.51 -25.40
N GLY B 172 22.07 3.89 -24.93
CA GLY B 172 23.26 4.63 -24.60
C GLY B 172 22.97 5.73 -23.59
N PRO B 173 23.42 6.97 -23.84
CA PRO B 173 23.24 8.14 -22.98
C PRO B 173 21.83 8.72 -23.00
N SER B 174 21.00 8.23 -23.90
CA SER B 174 19.63 8.73 -24.02
C SER B 174 18.74 8.12 -22.93
N ALA B 175 19.29 7.14 -22.22
CA ALA B 175 18.59 6.48 -21.10
C ALA B 175 19.03 7.14 -19.79
N MET B 176 18.05 7.34 -18.91
CA MET B 176 18.32 7.90 -17.61
C MET B 176 17.83 6.90 -16.57
N PHE B 177 18.51 6.83 -15.43
CA PHE B 177 18.09 6.01 -14.32
C PHE B 177 17.84 7.00 -13.19
N TYR B 178 16.59 7.08 -12.71
CA TYR B 178 16.24 7.97 -11.59
C TYR B 178 15.92 6.95 -10.48
N LEU B 179 16.96 6.58 -9.72
CA LEU B 179 16.85 5.56 -8.69
C LEU B 179 16.35 6.12 -7.36
N ALA B 180 15.04 6.11 -7.17
CA ALA B 180 14.43 6.63 -5.97
C ALA B 180 13.98 5.57 -4.94
N ALA B 181 14.06 4.29 -5.28
CA ALA B 181 13.63 3.23 -4.35
C ALA B 181 14.50 3.09 -3.12
N ALA B 182 13.90 2.67 -2.02
CA ALA B 182 14.63 2.46 -0.76
C ALA B 182 14.92 0.96 -0.76
N VAL B 183 16.15 0.61 -1.10
CA VAL B 183 16.60 -0.76 -1.23
C VAL B 183 17.15 -1.30 0.09
N SER B 184 16.69 -2.48 0.49
CA SER B 184 17.12 -3.11 1.73
C SER B 184 18.65 -3.22 1.76
N ASP B 185 19.25 -2.87 2.91
CA ASP B 185 20.70 -2.95 3.15
C ASP B 185 21.04 -4.33 3.70
N PHE B 186 20.04 -5.01 4.27
CA PHE B 186 20.28 -6.33 4.86
C PHE B 186 19.29 -7.37 4.40
N TYR B 187 19.66 -8.64 4.60
CA TYR B 187 18.81 -9.74 4.22
C TYR B 187 19.18 -11.04 4.90
N VAL B 188 18.56 -12.13 4.43
CA VAL B 188 18.81 -13.45 4.97
C VAL B 188 18.84 -14.38 3.76
N PRO B 189 20.01 -14.98 3.50
CA PRO B 189 20.27 -15.90 2.39
C PRO B 189 19.28 -17.06 2.33
N VAL B 190 18.88 -17.44 1.13
CA VAL B 190 17.94 -18.55 0.96
C VAL B 190 18.46 -19.76 1.76
N SER B 191 19.78 -19.82 1.93
CA SER B 191 20.42 -20.92 2.66
C SER B 191 20.42 -20.69 4.17
N GLU B 192 21.00 -19.57 4.59
CA GLU B 192 21.11 -19.22 6.01
C GLU B 192 19.76 -18.96 6.71
N MET B 193 18.67 -19.55 6.19
CA MET B 193 17.36 -19.37 6.79
C MET B 193 16.59 -20.67 6.84
N LEU B 205 13.07 -12.66 20.94
CA LEU B 205 13.77 -13.21 19.80
C LEU B 205 15.07 -12.46 19.54
N GLN B 206 15.70 -12.80 18.42
CA GLN B 206 16.95 -12.18 18.03
C GLN B 206 17.35 -12.74 16.67
N ILE B 207 17.12 -11.95 15.63
CA ILE B 207 17.47 -12.35 14.28
C ILE B 207 18.74 -11.62 13.86
N THR B 208 19.59 -12.32 13.12
CA THR B 208 20.83 -11.69 12.65
C THR B 208 20.72 -11.60 11.13
N MET B 209 21.01 -10.44 10.58
CA MET B 209 20.89 -10.25 9.14
C MET B 209 22.21 -9.88 8.48
N LYS B 210 22.55 -10.61 7.42
CA LYS B 210 23.79 -10.39 6.67
C LYS B 210 23.66 -9.22 5.73
N MET B 211 24.78 -8.57 5.44
CA MET B 211 24.79 -7.44 4.53
C MET B 211 24.49 -7.93 3.12
N VAL B 212 23.74 -7.11 2.39
CA VAL B 212 23.37 -7.41 1.02
C VAL B 212 24.66 -7.30 0.20
N PRO B 213 25.05 -8.40 -0.48
CA PRO B 213 26.25 -8.48 -1.31
C PRO B 213 26.57 -7.20 -2.06
N LYS B 214 27.73 -6.62 -1.75
CA LYS B 214 28.16 -5.38 -2.39
C LYS B 214 28.26 -5.47 -3.90
N LEU B 215 28.49 -6.67 -4.42
CA LEU B 215 28.58 -6.86 -5.86
C LEU B 215 27.34 -6.31 -6.59
N LEU B 216 26.23 -6.23 -5.87
CA LEU B 216 24.96 -5.74 -6.44
C LEU B 216 24.90 -4.24 -6.59
N SER B 217 25.80 -3.55 -5.89
CA SER B 217 25.87 -2.08 -5.90
C SER B 217 25.83 -1.43 -7.28
N PRO B 218 26.83 -1.74 -8.11
CA PRO B 218 26.93 -1.16 -9.45
C PRO B 218 26.15 -1.92 -10.52
N LEU B 219 25.17 -2.71 -10.11
CA LEU B 219 24.38 -3.49 -11.06
C LEU B 219 23.96 -2.68 -12.29
N VAL B 220 23.44 -1.47 -12.07
CA VAL B 220 22.98 -0.61 -13.16
C VAL B 220 24.09 -0.18 -14.12
N LYS B 221 25.15 0.42 -13.59
CA LYS B 221 26.26 0.87 -14.41
C LYS B 221 26.86 -0.29 -15.21
N ASP B 222 26.93 -1.46 -14.57
CA ASP B 222 27.49 -2.65 -15.19
C ASP B 222 26.71 -3.15 -16.40
N TRP B 223 25.40 -2.89 -16.43
CA TRP B 223 24.59 -3.31 -17.57
C TRP B 223 24.28 -2.18 -18.54
N ALA B 224 24.39 -0.94 -18.06
CA ALA B 224 24.14 0.24 -18.86
C ALA B 224 25.23 1.26 -18.56
N PRO B 225 26.47 0.98 -19.01
CA PRO B 225 27.66 1.81 -18.81
C PRO B 225 27.56 3.25 -19.29
N LYS B 226 26.74 3.50 -20.30
CA LYS B 226 26.64 4.83 -20.87
C LYS B 226 25.42 5.66 -20.46
N ALA B 227 24.56 5.10 -19.62
CA ALA B 227 23.35 5.80 -19.21
C ALA B 227 23.57 6.99 -18.27
N PHE B 228 22.64 7.94 -18.26
CA PHE B 228 22.72 9.07 -17.36
C PHE B 228 22.07 8.52 -16.05
N ILE B 229 22.92 8.18 -15.08
CA ILE B 229 22.49 7.61 -13.80
C ILE B 229 22.38 8.63 -12.67
N ILE B 230 21.19 8.67 -12.07
CA ILE B 230 20.87 9.58 -10.97
C ILE B 230 20.31 8.84 -9.73
N SER B 231 20.93 9.00 -8.58
CA SER B 231 20.36 8.35 -7.40
C SER B 231 19.71 9.43 -6.55
N PHE B 232 18.51 9.11 -6.06
CA PHE B 232 17.73 10.02 -5.23
C PHE B 232 17.76 9.49 -3.79
N LYS B 233 18.27 10.31 -2.87
CA LYS B 233 18.36 9.96 -1.46
C LYS B 233 17.09 10.39 -0.75
N LEU B 234 16.41 9.45 -0.12
CA LEU B 234 15.13 9.74 0.54
C LEU B 234 15.22 10.60 1.79
N GLU B 235 16.37 10.60 2.45
CA GLU B 235 16.59 11.39 3.66
C GLU B 235 16.43 12.88 3.40
N THR B 236 16.01 13.62 4.42
CA THR B 236 15.83 15.06 4.32
C THR B 236 16.77 15.82 5.25
N ASP B 237 17.49 15.09 6.12
CA ASP B 237 18.43 15.70 7.05
C ASP B 237 19.66 16.16 6.27
N PRO B 238 19.91 17.48 6.25
CA PRO B 238 21.03 18.13 5.55
C PRO B 238 22.39 17.43 5.67
N ALA B 239 22.87 17.30 6.90
CA ALA B 239 24.16 16.66 7.14
C ALA B 239 24.24 15.26 6.55
N ILE B 240 23.26 14.43 6.88
CA ILE B 240 23.21 13.03 6.43
C ILE B 240 23.19 12.84 4.91
N VAL B 241 22.41 13.67 4.21
CA VAL B 241 22.31 13.54 2.76
C VAL B 241 23.55 14.08 2.03
N ILE B 242 24.06 15.22 2.48
CA ILE B 242 25.23 15.82 1.84
C ILE B 242 26.39 14.84 1.74
N ASN B 243 26.69 14.17 2.85
CA ASN B 243 27.77 13.20 2.89
C ASN B 243 27.39 11.94 2.10
N ARG B 244 26.15 11.50 2.25
CA ARG B 244 25.69 10.30 1.55
C ARG B 244 25.72 10.62 0.03
N ALA B 245 25.53 11.88 -0.30
CA ALA B 245 25.52 12.32 -1.68
C ALA B 245 26.92 12.32 -2.30
N ARG B 246 27.86 13.00 -1.65
CA ARG B 246 29.22 13.08 -2.15
C ARG B 246 29.93 11.72 -2.15
N LYS B 247 29.21 10.68 -1.76
CA LYS B 247 29.78 9.34 -1.73
C LYS B 247 29.31 8.56 -2.95
N ALA B 248 28.02 8.66 -3.25
CA ALA B 248 27.45 7.99 -4.40
C ALA B 248 28.08 8.47 -5.70
N LEU B 249 28.84 9.59 -5.62
CA LEU B 249 29.50 10.13 -6.81
C LEU B 249 30.89 9.55 -6.97
N GLU B 250 31.74 9.80 -5.98
CA GLU B 250 33.10 9.31 -6.01
C GLU B 250 33.11 7.78 -6.20
N ILE B 251 32.59 7.09 -5.21
CA ILE B 251 32.58 5.63 -5.24
C ILE B 251 31.71 4.96 -6.31
N TYR B 252 30.40 5.21 -6.28
CA TYR B 252 29.48 4.57 -7.22
C TYR B 252 29.55 5.09 -8.66
N GLN B 253 30.12 6.28 -8.85
CA GLN B 253 30.25 6.88 -10.17
C GLN B 253 28.91 7.24 -10.87
N HIS B 254 27.92 7.65 -10.08
CA HIS B 254 26.63 8.08 -10.62
C HIS B 254 26.94 9.48 -11.17
N GLN B 255 26.12 9.97 -12.09
CA GLN B 255 26.36 11.29 -12.64
C GLN B 255 25.82 12.38 -11.74
N VAL B 256 24.70 12.09 -11.09
CA VAL B 256 24.00 13.04 -10.25
C VAL B 256 23.41 12.40 -8.99
N VAL B 257 23.32 13.17 -7.92
CA VAL B 257 22.71 12.74 -6.68
C VAL B 257 21.73 13.86 -6.34
N VAL B 258 20.48 13.48 -6.07
CA VAL B 258 19.40 14.44 -5.77
C VAL B 258 18.74 14.13 -4.44
N ALA B 259 18.30 15.16 -3.72
CA ALA B 259 17.65 14.94 -2.43
C ALA B 259 16.83 16.13 -1.98
N ASN B 260 15.71 15.88 -1.31
CA ASN B 260 14.90 16.97 -0.75
C ASN B 260 15.48 17.31 0.62
N ILE B 261 15.79 18.58 0.83
CA ILE B 261 16.33 19.02 2.11
C ILE B 261 15.31 19.93 2.81
N SER B 267 12.93 24.38 3.13
CA SER B 267 12.84 23.29 2.16
C SER B 267 13.45 23.62 0.80
N PHE B 268 14.34 22.74 0.34
CA PHE B 268 14.96 22.91 -0.96
C PHE B 268 15.46 21.57 -1.44
N VAL B 269 15.83 21.51 -2.71
CA VAL B 269 16.36 20.28 -3.27
C VAL B 269 17.83 20.53 -3.46
N LEU B 270 18.61 19.49 -3.20
CA LEU B 270 20.04 19.53 -3.37
C LEU B 270 20.35 18.63 -4.56
N ILE B 271 21.08 19.16 -5.54
CA ILE B 271 21.48 18.38 -6.70
C ILE B 271 23.00 18.43 -6.79
N VAL B 272 23.64 17.27 -6.69
CA VAL B 272 25.10 17.21 -6.70
C VAL B 272 25.70 16.37 -7.81
N THR B 273 26.77 16.87 -8.41
CA THR B 273 27.52 16.19 -9.48
C THR B 273 28.97 16.33 -9.07
N LYS B 274 29.88 15.71 -9.81
CA LYS B 274 31.28 15.77 -9.42
C LYS B 274 31.82 17.19 -9.39
N ASP B 275 31.25 18.07 -10.21
CA ASP B 275 31.70 19.45 -10.30
C ASP B 275 30.71 20.56 -9.89
N SER B 276 29.57 20.20 -9.30
CA SER B 276 28.60 21.24 -8.91
C SER B 276 27.61 20.85 -7.82
N GLU B 277 27.21 21.86 -7.04
CA GLU B 277 26.27 21.68 -5.96
C GLU B 277 25.19 22.74 -6.18
N THR B 278 23.98 22.31 -6.52
CA THR B 278 22.87 23.22 -6.72
C THR B 278 21.81 23.05 -5.62
N LYS B 279 21.20 24.16 -5.23
CA LYS B 279 20.11 24.19 -4.25
C LYS B 279 18.97 24.77 -5.05
N LEU B 280 17.82 24.12 -5.04
CA LEU B 280 16.66 24.64 -5.78
C LEU B 280 15.53 24.94 -4.79
N LEU B 281 14.89 26.09 -4.96
CA LEU B 281 13.78 26.47 -4.09
C LEU B 281 12.45 26.48 -4.82
N LEU B 282 11.38 26.17 -4.10
CA LEU B 282 10.03 26.19 -4.67
C LEU B 282 9.49 27.58 -4.31
N SER B 283 9.36 28.44 -5.32
CA SER B 283 8.89 29.80 -5.09
C SER B 283 7.61 30.01 -4.32
N GLU B 284 7.38 31.25 -3.90
CA GLU B 284 6.16 31.57 -3.19
C GLU B 284 5.04 31.56 -4.23
N GLU B 285 5.34 32.15 -5.39
CA GLU B 285 4.40 32.23 -6.49
C GLU B 285 4.36 30.89 -7.23
N GLU B 286 5.35 30.05 -6.96
CA GLU B 286 5.43 28.73 -7.58
C GLU B 286 4.57 27.79 -6.73
N ILE B 287 4.72 27.86 -5.42
CA ILE B 287 3.96 27.02 -4.51
C ILE B 287 2.49 27.40 -4.64
N GLU B 288 2.25 28.55 -5.26
CA GLU B 288 0.90 29.03 -5.46
C GLU B 288 0.26 28.55 -6.75
N LYS B 289 0.89 28.89 -7.87
CA LYS B 289 0.37 28.50 -9.18
C LYS B 289 0.28 26.99 -9.37
N GLY B 290 0.35 26.23 -8.28
CA GLY B 290 0.26 24.78 -8.35
C GLY B 290 1.47 24.08 -8.97
N VAL B 291 2.67 24.46 -8.53
CA VAL B 291 3.91 23.87 -9.01
C VAL B 291 4.51 23.06 -7.88
N GLU B 292 4.94 21.83 -8.17
CA GLU B 292 5.51 20.99 -7.14
C GLU B 292 6.98 20.90 -7.44
N ILE B 293 7.78 20.67 -6.40
CA ILE B 293 9.22 20.61 -6.54
C ILE B 293 9.70 19.57 -7.59
N GLU B 294 9.02 18.43 -7.71
CA GLU B 294 9.45 17.39 -8.67
C GLU B 294 9.46 17.90 -10.09
N GLU B 295 8.51 18.74 -10.42
CA GLU B 295 8.47 19.31 -11.76
C GLU B 295 9.76 20.10 -11.96
N LYS B 296 10.19 20.79 -10.91
CA LYS B 296 11.41 21.58 -10.98
C LYS B 296 12.63 20.68 -11.09
N ILE B 297 12.64 19.59 -10.32
CA ILE B 297 13.74 18.65 -10.36
C ILE B 297 13.90 18.08 -11.76
N VAL B 298 12.77 17.74 -12.37
CA VAL B 298 12.78 17.17 -13.71
C VAL B 298 13.33 18.14 -14.76
N ASP B 299 12.87 19.39 -14.73
CA ASP B 299 13.35 20.43 -15.67
C ASP B 299 14.87 20.51 -15.55
N ASN B 300 15.36 20.59 -14.33
CA ASN B 300 16.80 20.65 -14.12
C ASN B 300 17.53 19.39 -14.61
N LEU B 301 16.97 18.21 -14.35
CA LEU B 301 17.64 16.97 -14.77
C LEU B 301 17.59 16.75 -16.30
N GLN B 302 16.52 17.23 -16.93
CA GLN B 302 16.37 17.07 -18.37
C GLN B 302 17.46 17.87 -19.15
N SER B 303 17.77 19.09 -18.69
CA SER B 303 18.81 19.86 -19.38
C SER B 303 20.19 19.27 -19.09
N ARG B 304 20.41 18.79 -17.87
CA ARG B 304 21.70 18.18 -17.57
C ARG B 304 21.85 16.94 -18.42
N HIS B 305 20.74 16.26 -18.69
CA HIS B 305 20.75 15.05 -19.49
C HIS B 305 21.08 15.45 -20.93
N THR B 306 20.41 16.49 -21.42
CA THR B 306 20.66 17.01 -22.74
C THR B 306 22.16 17.25 -22.94
N ALA B 307 22.77 17.95 -21.99
CA ALA B 307 24.19 18.26 -22.06
C ALA B 307 25.03 16.99 -21.97
N PHE B 308 24.51 15.97 -21.29
CA PHE B 308 25.23 14.70 -21.14
C PHE B 308 25.19 13.92 -22.45
N ILE B 309 24.08 14.02 -23.15
CA ILE B 309 23.91 13.35 -24.41
C ILE B 309 24.76 14.05 -25.49
S SO4 C . 8.75 9.19 0.42
O1 SO4 C . 8.69 10.65 0.47
O2 SO4 C . 7.66 8.64 1.24
O3 SO4 C . 8.57 8.75 -0.99
O4 SO4 C . 10.04 8.72 0.97
S SO4 D . 3.01 -5.47 0.43
O1 SO4 D . 4.13 -5.11 -0.44
O2 SO4 D . 2.09 -4.32 0.51
O3 SO4 D . 2.31 -6.64 -0.15
O4 SO4 D . 3.48 -5.82 1.78
#